data_6FUT
#
_entry.id   6FUT
#
_cell.length_a   46.225
_cell.length_b   77.041
_cell.length_c   84.898
_cell.angle_alpha   90.00
_cell.angle_beta   90.00
_cell.angle_gamma   90.00
#
_symmetry.space_group_name_H-M   'P 21 21 21'
#
loop_
_entity.id
_entity.type
_entity.pdbx_description
1 polymer 'Complement factor D'
2 non-polymer 3-[3-(aminomethyl)phenyl]-~{N}-[(1~{S})-1,2,3,4-tetrahydronaphthalen-1-yl]benzamide
3 non-polymer 'SUCCINIC ACID'
4 water water
#
_entity_poly.entity_id   1
_entity_poly.type   'polypeptide(L)'
_entity_poly.pdbx_seq_one_letter_code
;ILGGREAEAHARPYMASVQLNGAHLCGGVLVAEQWVLSAAHCLEDAADGKVQVLLGAHSLSQPEPSKRLYDVLRAVPHPD
SQPDTIDHDLLLLQLSEKATLGPAVRPLPWQRVDRDVAPGTLCDVAGWGIVNHAGRRPDSLQHVLLPVLDRATCNRRTHH
DGAITERLMCAESNRRDSCKGDSGGPLVCGGVLEGVVTSGSRVCGNRKKPGIYTRVASYAAWIDSVLASAAA
;
_entity_poly.pdbx_strand_id   A
#
# COMPACT_ATOMS: atom_id res chain seq x y z
N ILE A 1 4.87 -10.22 1.87
CA ILE A 1 6.23 -9.71 2.16
C ILE A 1 7.23 -10.86 2.16
N LEU A 2 8.27 -10.70 1.35
CA LEU A 2 9.40 -11.68 1.31
C LEU A 2 10.53 -11.19 2.17
N GLY A 3 11.16 -12.10 2.93
CA GLY A 3 12.36 -11.78 3.67
C GLY A 3 12.09 -10.90 4.87
N GLY A 4 10.85 -10.87 5.33
CA GLY A 4 10.52 -10.04 6.46
C GLY A 4 10.31 -10.72 7.74
N ARG A 5 9.55 -10.11 8.65
CA ARG A 5 9.38 -10.61 10.02
C ARG A 5 7.95 -10.29 10.43
N GLU A 6 7.44 -10.98 11.42
CA GLU A 6 6.14 -10.70 11.94
C GLU A 6 6.11 -9.32 12.52
N ALA A 7 5.03 -8.58 12.17
CA ALA A 7 4.76 -7.28 12.78
C ALA A 7 4.29 -7.45 14.20
N GLU A 8 4.50 -6.41 15.04
CA GLU A 8 3.95 -6.37 16.40
C GLU A 8 2.48 -6.14 16.27
N ALA A 9 1.65 -6.89 16.99
CA ALA A 9 0.20 -6.80 16.76
C ALA A 9 -0.34 -5.40 17.07
N HIS A 10 -0.94 -4.78 16.04
CA HIS A 10 -1.61 -3.49 16.16
C HIS A 10 -0.67 -2.33 16.30
N ALA A 11 0.59 -2.45 16.03
CA ALA A 11 1.58 -1.41 16.15
C ALA A 11 1.57 -0.46 14.92
N ARG A 12 0.85 -0.90 13.89
CA ARG A 12 0.73 -0.10 12.65
C ARG A 12 -0.81 0.05 12.43
N PRO A 13 -1.43 0.94 13.20
CA PRO A 13 -2.93 0.92 13.33
C PRO A 13 -3.61 1.48 12.12
N TYR A 14 -2.85 1.97 11.12
CA TYR A 14 -3.38 2.36 9.82
C TYR A 14 -3.50 1.23 8.89
N MET A 15 -2.95 0.07 9.22
N MET A 15 -2.96 0.04 9.22
CA MET A 15 -2.91 -1.01 8.22
CA MET A 15 -2.95 -1.05 8.23
C MET A 15 -4.30 -1.61 8.04
C MET A 15 -4.27 -1.71 8.03
N ALA A 16 -4.70 -1.77 6.78
CA ALA A 16 -5.97 -2.31 6.36
C ALA A 16 -5.83 -3.52 5.50
N SER A 17 -6.69 -4.53 5.63
CA SER A 17 -6.76 -5.60 4.66
C SER A 17 -7.96 -5.36 3.77
N VAL A 18 -7.72 -5.13 2.50
CA VAL A 18 -8.80 -5.00 1.49
C VAL A 18 -9.15 -6.39 1.04
N GLN A 19 -10.45 -6.75 1.25
CA GLN A 19 -10.93 -8.07 1.07
C GLN A 19 -11.98 -8.19 -0.05
N LEU A 20 -11.88 -9.34 -0.71
CA LEU A 20 -12.83 -9.64 -1.87
C LEU A 20 -13.41 -10.98 -1.60
N ASN A 21 -14.75 -10.97 -1.54
CA ASN A 21 -15.49 -12.23 -1.24
C ASN A 21 -14.94 -12.92 -0.06
N GLY A 22 -14.59 -12.21 1.20
CA GLY A 22 -14.09 -12.73 2.44
C GLY A 22 -12.62 -13.11 2.55
N ALA A 23 -11.82 -12.86 1.49
CA ALA A 23 -10.45 -13.28 1.45
C ALA A 23 -9.59 -11.99 1.26
N HIS A 24 -8.46 -12.02 1.98
CA HIS A 24 -7.45 -10.94 1.80
C HIS A 24 -7.06 -10.86 0.33
N LEU A 25 -7.12 -9.67 -0.24
CA LEU A 25 -6.78 -9.42 -1.65
C LEU A 25 -5.55 -8.47 -1.69
N CYS A 26 -5.65 -7.30 -1.05
CA CYS A 26 -4.62 -6.29 -1.16
C CYS A 26 -4.48 -5.58 0.15
N GLY A 27 -3.36 -4.94 0.36
CA GLY A 27 -3.24 -4.03 1.54
C GLY A 27 -3.94 -2.72 1.26
N GLY A 28 -4.04 -1.90 2.31
CA GLY A 28 -4.54 -0.57 2.22
C GLY A 28 -4.11 0.19 3.43
N VAL A 29 -4.25 1.51 3.38
CA VAL A 29 -3.82 2.40 4.41
C VAL A 29 -4.96 3.29 4.84
N LEU A 30 -5.37 3.26 6.08
CA LEU A 30 -6.33 4.17 6.57
C LEU A 30 -5.75 5.59 6.57
N VAL A 31 -6.39 6.53 5.78
CA VAL A 31 -5.87 7.89 5.65
C VAL A 31 -6.79 8.96 6.21
N ALA A 32 -8.02 8.58 6.47
CA ALA A 32 -8.94 9.43 7.22
C ALA A 32 -9.90 8.51 7.90
N GLU A 33 -10.81 9.00 8.77
CA GLU A 33 -11.80 8.17 9.44
CA GLU A 33 -11.68 8.08 9.44
C GLU A 33 -12.60 7.29 8.57
N GLN A 34 -12.97 7.77 7.38
CA GLN A 34 -13.81 7.03 6.53
C GLN A 34 -13.20 6.61 5.18
N TRP A 35 -11.83 6.70 5.10
CA TRP A 35 -11.21 6.46 3.76
C TRP A 35 -9.92 5.62 3.90
N VAL A 36 -9.83 4.67 2.99
CA VAL A 36 -8.63 3.79 2.88
C VAL A 36 -8.05 3.98 1.55
N LEU A 37 -6.75 4.24 1.48
CA LEU A 37 -5.98 4.35 0.22
C LEU A 37 -5.45 3.00 -0.10
N SER A 38 -5.51 2.58 -1.35
CA SER A 38 -5.01 1.31 -1.81
C SER A 38 -4.60 1.49 -3.30
N ALA A 39 -4.49 0.36 -4.01
CA ALA A 39 -4.03 0.38 -5.41
C ALA A 39 -5.16 0.06 -6.35
N ALA A 40 -5.28 0.89 -7.40
CA ALA A 40 -6.39 0.65 -8.36
C ALA A 40 -6.41 -0.69 -8.95
N HIS A 41 -5.26 -1.26 -9.30
CA HIS A 41 -5.23 -2.53 -9.98
C HIS A 41 -5.83 -3.64 -9.22
N CYS A 42 -5.88 -3.49 -7.88
CA CYS A 42 -6.41 -4.57 -7.07
C CYS A 42 -7.85 -4.90 -7.40
N LEU A 43 -8.60 -3.90 -7.80
CA LEU A 43 -10.02 -4.09 -8.11
C LEU A 43 -10.25 -4.40 -9.60
N GLU A 44 -9.26 -4.34 -10.52
CA GLU A 44 -9.45 -5.13 -11.90
C GLU A 44 -10.29 -6.47 -12.00
N GLY A 49 -17.73 -9.01 -7.36
CA GLY A 49 -17.57 -9.47 -5.97
C GLY A 49 -17.70 -8.37 -4.89
N LYS A 50 -17.78 -8.83 -3.64
CA LYS A 50 -18.04 -7.95 -2.48
C LYS A 50 -16.67 -7.47 -1.89
N VAL A 51 -16.49 -6.16 -1.96
CA VAL A 51 -15.20 -5.56 -1.45
C VAL A 51 -15.51 -5.05 -0.07
N GLN A 52 -14.62 -5.47 0.90
CA GLN A 52 -14.74 -4.99 2.29
C GLN A 52 -13.37 -4.59 2.79
N VAL A 53 -13.31 -3.89 3.89
CA VAL A 53 -12.05 -3.52 4.52
C VAL A 53 -12.04 -3.93 5.98
N LEU A 54 -11.02 -4.71 6.34
CA LEU A 54 -10.78 -5.14 7.74
C LEU A 54 -9.76 -4.24 8.39
N LEU A 55 -10.21 -3.56 9.41
CA LEU A 55 -9.38 -2.66 10.22
C LEU A 55 -9.11 -3.30 11.60
N GLY A 56 -8.07 -2.84 12.23
CA GLY A 56 -7.76 -3.27 13.59
C GLY A 56 -7.17 -4.60 13.72
N ALA A 57 -6.70 -5.19 12.63
CA ALA A 57 -6.32 -6.59 12.61
C ALA A 57 -4.83 -6.83 12.69
N HIS A 58 -4.50 -8.00 13.28
CA HIS A 58 -3.19 -8.57 13.18
C HIS A 58 -3.30 -9.92 12.46
N SER A 59 -4.04 -10.85 13.07
CA SER A 59 -4.39 -12.12 12.46
C SER A 59 -5.61 -11.95 11.60
N LEU A 60 -5.61 -12.53 10.41
CA LEU A 60 -6.76 -12.53 9.54
C LEU A 60 -7.90 -13.45 10.06
N SER A 61 -7.53 -14.42 10.87
CA SER A 61 -8.48 -15.43 11.25
C SER A 61 -8.87 -15.40 12.68
N GLN A 62 -8.03 -14.98 13.60
CA GLN A 62 -8.26 -15.18 15.02
C GLN A 62 -9.05 -14.01 15.62
N PRO A 63 -9.80 -14.22 16.71
CA PRO A 63 -10.53 -13.16 17.35
C PRO A 63 -9.61 -12.11 17.97
N GLU A 64 -9.89 -10.82 17.72
CA GLU A 64 -9.13 -9.78 18.32
C GLU A 64 -10.07 -8.66 18.71
N PRO A 65 -9.84 -7.99 19.81
CA PRO A 65 -10.83 -7.02 20.27
C PRO A 65 -11.04 -5.82 19.41
N SER A 66 -10.00 -5.43 18.66
CA SER A 66 -10.09 -4.27 17.79
C SER A 66 -10.52 -4.56 16.37
N LYS A 67 -10.58 -5.84 15.99
CA LYS A 67 -10.91 -6.13 14.61
C LYS A 67 -12.30 -5.72 14.22
N ARG A 68 -12.45 -4.99 13.10
CA ARG A 68 -13.76 -4.65 12.65
C ARG A 68 -13.76 -4.62 11.13
N LEU A 69 -14.74 -5.27 10.56
CA LEU A 69 -14.97 -5.37 9.13
C LEU A 69 -15.94 -4.29 8.71
N TYR A 70 -15.60 -3.58 7.64
CA TYR A 70 -16.37 -2.46 7.05
C TYR A 70 -16.75 -2.77 5.63
N ASP A 71 -18.03 -2.52 5.26
CA ASP A 71 -18.39 -2.50 3.85
C ASP A 71 -17.87 -1.22 3.27
N VAL A 72 -17.82 -1.23 1.91
CA VAL A 72 -17.27 -0.13 1.10
C VAL A 72 -18.50 0.52 0.43
N LEU A 73 -18.66 1.79 0.63
CA LEU A 73 -19.74 2.58 0.01
C LEU A 73 -19.36 2.95 -1.42
N ARG A 74 -18.12 3.36 -1.65
CA ARG A 74 -17.68 3.76 -3.00
C ARG A 74 -16.23 3.44 -3.17
N ALA A 75 -15.85 3.01 -4.35
CA ALA A 75 -14.47 2.74 -4.73
C ALA A 75 -14.14 3.77 -5.77
N VAL A 76 -13.13 4.60 -5.54
CA VAL A 76 -12.77 5.71 -6.41
C VAL A 76 -11.35 5.49 -6.94
N PRO A 77 -11.17 4.91 -8.15
CA PRO A 77 -9.84 4.79 -8.75
C PRO A 77 -9.38 6.12 -9.19
N HIS A 78 -8.09 6.34 -9.22
CA HIS A 78 -7.54 7.52 -9.81
C HIS A 78 -8.07 7.65 -11.30
N PRO A 79 -8.47 8.92 -11.65
CA PRO A 79 -9.14 9.01 -12.96
C PRO A 79 -8.23 8.85 -14.11
N ASP A 80 -6.93 8.87 -13.93
CA ASP A 80 -5.98 8.63 -15.07
C ASP A 80 -5.35 7.20 -14.99
N SER A 81 -5.75 6.39 -14.02
CA SER A 81 -5.28 5.01 -13.94
CA SER A 81 -5.35 5.00 -13.91
C SER A 81 -5.87 4.21 -15.11
N GLN A 82 -5.17 3.18 -15.51
CA GLN A 82 -5.58 2.31 -16.63
C GLN A 82 -5.02 0.94 -16.42
N PRO A 83 -5.74 -0.10 -16.82
CA PRO A 83 -5.24 -1.47 -16.64
C PRO A 83 -3.86 -1.79 -17.30
N ASP A 84 -3.56 -1.11 -18.38
CA ASP A 84 -2.25 -1.40 -19.03
C ASP A 84 -1.02 -0.58 -18.59
N THR A 85 -1.16 0.44 -17.69
CA THR A 85 0.02 1.14 -17.16
C THR A 85 0.21 0.91 -15.60
N ILE A 86 1.38 1.29 -15.16
CA ILE A 86 1.65 1.36 -13.73
C ILE A 86 1.36 2.74 -13.18
N ASP A 87 0.99 3.76 -13.95
CA ASP A 87 0.87 5.11 -13.50
C ASP A 87 -0.45 5.37 -12.75
N HIS A 88 -0.38 6.22 -11.77
CA HIS A 88 -1.52 6.67 -11.04
C HIS A 88 -2.31 5.52 -10.44
N ASP A 89 -1.65 4.46 -9.93
CA ASP A 89 -2.28 3.28 -9.47
C ASP A 89 -2.78 3.33 -8.05
N LEU A 90 -3.64 4.30 -7.84
CA LEU A 90 -4.21 4.62 -6.54
C LEU A 90 -5.69 4.48 -6.55
N LEU A 91 -6.22 4.11 -5.40
CA LEU A 91 -7.64 3.76 -5.19
C LEU A 91 -8.05 4.28 -3.88
N LEU A 92 -9.14 5.05 -3.78
CA LEU A 92 -9.70 5.52 -2.53
C LEU A 92 -10.97 4.75 -2.24
N LEU A 93 -11.07 4.11 -1.09
CA LEU A 93 -12.23 3.35 -0.66
C LEU A 93 -12.89 4.08 0.46
N GLN A 94 -14.17 4.48 0.26
CA GLN A 94 -14.97 5.12 1.27
C GLN A 94 -15.70 4.05 2.04
N LEU A 95 -15.46 3.98 3.33
CA LEU A 95 -16.14 3.03 4.21
C LEU A 95 -17.66 3.33 4.35
N SER A 96 -18.39 2.30 4.68
CA SER A 96 -19.90 2.46 4.89
C SER A 96 -20.19 3.43 5.99
N GLU A 97 -19.30 3.55 6.97
CA GLU A 97 -19.38 4.54 8.00
C GLU A 97 -18.01 4.93 8.51
N LYS A 98 -17.90 6.00 9.25
CA LYS A 98 -16.65 6.43 9.91
C LYS A 98 -16.16 5.25 10.75
N ALA A 99 -14.87 4.89 10.58
CA ALA A 99 -14.29 3.86 11.46
C ALA A 99 -14.28 4.30 12.90
N THR A 100 -14.50 3.29 13.76
CA THR A 100 -14.24 3.51 15.22
C THR A 100 -12.76 3.59 15.49
N LEU A 101 -12.26 4.75 15.84
CA LEU A 101 -10.89 4.96 15.99
C LEU A 101 -10.46 4.50 17.36
N GLY A 102 -9.19 4.20 17.52
CA GLY A 102 -8.61 3.80 18.85
C GLY A 102 -7.18 3.50 18.69
N PRO A 103 -6.55 2.94 19.74
CA PRO A 103 -5.13 2.60 19.66
C PRO A 103 -4.76 1.70 18.48
N ALA A 104 -5.66 0.79 18.10
CA ALA A 104 -5.43 -0.14 17.00
C ALA A 104 -5.93 0.28 15.66
N VAL A 105 -6.66 1.42 15.58
CA VAL A 105 -7.30 1.91 14.32
C VAL A 105 -7.10 3.40 14.24
N ARG A 106 -6.14 3.83 13.44
CA ARG A 106 -5.77 5.27 13.42
C ARG A 106 -5.29 5.56 12.00
N PRO A 107 -5.70 6.71 11.42
CA PRO A 107 -5.11 7.08 10.17
C PRO A 107 -3.66 7.42 10.22
N LEU A 108 -2.99 7.23 9.11
CA LEU A 108 -1.55 7.53 8.98
C LEU A 108 -1.37 8.81 8.25
N PRO A 109 -0.64 9.75 8.86
CA PRO A 109 -0.33 10.98 8.06
C PRO A 109 0.50 10.57 6.84
N TRP A 110 0.18 11.24 5.75
CA TRP A 110 0.83 11.01 4.47
C TRP A 110 1.52 12.25 3.96
N GLN A 111 2.60 12.05 3.26
CA GLN A 111 3.56 13.13 2.90
C GLN A 111 2.91 14.09 1.91
N ARG A 112 2.98 15.36 2.28
CA ARG A 112 2.49 16.43 1.34
C ARG A 112 3.64 17.17 0.77
N VAL A 113 4.85 17.07 1.28
CA VAL A 113 6.01 17.84 0.77
C VAL A 113 6.51 16.97 -0.38
N ASP A 114 6.41 17.43 -1.61
CA ASP A 114 6.80 16.70 -2.75
C ASP A 114 8.29 16.72 -3.03
N ARG A 115 9.02 15.88 -2.29
CA ARG A 115 10.44 15.71 -2.39
C ARG A 115 10.78 14.22 -2.23
N ASP A 116 11.65 13.72 -3.08
CA ASP A 116 12.08 12.36 -2.98
C ASP A 116 12.71 12.04 -1.65
N VAL A 117 12.44 10.82 -1.19
CA VAL A 117 13.20 10.24 -0.08
C VAL A 117 14.58 9.93 -0.50
N ALA A 118 15.58 10.23 0.32
CA ALA A 118 16.96 10.03 -0.07
C ALA A 118 17.30 8.60 -0.39
N PRO A 119 17.88 8.27 -1.51
CA PRO A 119 18.32 6.95 -1.72
C PRO A 119 19.14 6.32 -0.66
N GLY A 120 18.94 5.05 -0.32
CA GLY A 120 19.60 4.36 0.76
C GLY A 120 18.90 4.36 2.12
N THR A 121 17.94 5.23 2.22
CA THR A 121 17.08 5.28 3.39
C THR A 121 16.31 3.97 3.52
N LEU A 122 16.20 3.41 4.72
CA LEU A 122 15.32 2.25 4.91
C LEU A 122 13.94 2.71 5.31
N CYS A 123 12.96 2.20 4.57
CA CYS A 123 11.56 2.45 4.84
C CYS A 123 10.87 1.11 5.12
N ASP A 124 9.72 1.15 5.82
CA ASP A 124 9.03 0.02 6.33
C ASP A 124 7.83 -0.30 5.47
N VAL A 125 7.74 -1.49 4.93
N VAL A 125 7.72 -1.52 4.99
CA VAL A 125 6.57 -1.94 4.15
CA VAL A 125 6.63 -1.97 4.12
C VAL A 125 5.93 -3.17 4.76
C VAL A 125 5.95 -3.09 4.86
N ALA A 126 4.61 -3.06 4.94
CA ALA A 126 3.88 -4.11 5.69
C ALA A 126 2.76 -4.69 4.82
N GLY A 127 2.41 -5.93 5.11
CA GLY A 127 1.29 -6.57 4.41
C GLY A 127 1.06 -8.02 4.77
N TRP A 128 -0.04 -8.55 4.25
CA TRP A 128 -0.45 -9.90 4.36
C TRP A 128 -0.23 -10.64 3.05
N GLY A 129 0.62 -10.12 2.17
CA GLY A 129 0.97 -10.84 0.97
C GLY A 129 1.76 -12.04 1.18
N ILE A 130 2.02 -12.72 0.04
CA ILE A 130 2.76 -13.94 0.13
C ILE A 130 4.11 -13.82 0.71
N VAL A 131 4.60 -14.85 1.39
CA VAL A 131 5.81 -14.83 2.11
C VAL A 131 6.96 -15.67 1.51
N ASN A 132 6.64 -16.36 0.40
CA ASN A 132 7.72 -17.12 -0.29
C ASN A 132 7.27 -17.32 -1.74
N HIS A 133 8.24 -17.90 -2.54
CA HIS A 133 7.98 -18.05 -3.96
C HIS A 133 6.93 -19.13 -4.22
N ALA A 134 6.65 -19.97 -3.25
CA ALA A 134 5.63 -20.96 -3.38
C ALA A 134 4.26 -20.46 -3.30
N GLY A 135 4.10 -19.11 -2.83
CA GLY A 135 2.81 -18.51 -2.64
C GLY A 135 2.16 -18.70 -1.26
N ARG A 136 2.92 -19.12 -0.29
CA ARG A 136 2.34 -19.34 1.05
C ARG A 136 1.83 -17.98 1.59
N ARG A 137 0.63 -17.97 2.15
CA ARG A 137 -0.05 -16.78 2.64
C ARG A 137 0.10 -16.80 4.17
N PRO A 138 0.46 -15.67 4.82
CA PRO A 138 0.57 -15.61 6.23
C PRO A 138 -0.76 -15.30 6.89
N ASP A 139 -1.00 -15.83 8.05
CA ASP A 139 -2.18 -15.44 8.80
C ASP A 139 -2.02 -14.04 9.46
N SER A 140 -0.82 -13.70 9.87
CA SER A 140 -0.60 -12.43 10.57
CA SER A 140 -0.50 -12.49 10.67
C SER A 140 0.24 -11.48 9.77
N LEU A 141 0.07 -10.19 10.09
CA LEU A 141 0.74 -9.16 9.33
C LEU A 141 2.26 -9.28 9.46
N GLN A 142 2.95 -9.12 8.32
CA GLN A 142 4.37 -9.12 8.22
C GLN A 142 4.88 -7.77 7.80
N HIS A 143 6.17 -7.51 8.00
CA HIS A 143 6.74 -6.28 7.47
C HIS A 143 8.23 -6.49 7.19
N VAL A 144 8.81 -5.53 6.49
CA VAL A 144 10.21 -5.57 6.11
C VAL A 144 10.72 -4.18 5.93
N LEU A 145 11.98 -3.94 6.20
CA LEU A 145 12.67 -2.67 5.91
C LEU A 145 13.41 -2.85 4.61
N LEU A 146 13.21 -1.94 3.71
CA LEU A 146 13.80 -1.91 2.38
C LEU A 146 14.46 -0.57 2.07
N PRO A 147 15.63 -0.56 1.40
CA PRO A 147 16.29 0.65 1.05
C PRO A 147 15.70 1.27 -0.23
N VAL A 148 15.53 2.59 -0.21
CA VAL A 148 15.10 3.37 -1.35
C VAL A 148 16.21 3.23 -2.38
N LEU A 149 15.89 3.01 -3.60
CA LEU A 149 16.82 2.96 -4.78
C LEU A 149 16.63 4.18 -5.59
N ASP A 150 17.74 4.80 -5.96
CA ASP A 150 17.67 6.02 -6.77
C ASP A 150 17.04 5.79 -8.14
N ARG A 151 16.25 6.77 -8.57
CA ARG A 151 15.53 6.66 -9.80
C ARG A 151 16.36 6.40 -11.04
N ALA A 152 17.52 7.08 -11.08
CA ALA A 152 18.47 6.87 -12.26
C ALA A 152 18.93 5.47 -12.42
N THR A 153 19.18 4.77 -11.32
CA THR A 153 19.47 3.36 -11.34
C THR A 153 18.26 2.51 -11.73
N CYS A 154 17.12 2.79 -11.05
CA CYS A 154 15.91 2.04 -11.30
C CYS A 154 15.38 2.09 -12.74
N ASN A 155 15.72 3.21 -13.41
CA ASN A 155 15.26 3.41 -14.79
C ASN A 155 16.20 2.78 -15.83
N ARG A 156 17.27 2.13 -15.41
CA ARG A 156 18.17 1.52 -16.39
CA ARG A 156 18.20 1.46 -16.35
C ARG A 156 17.48 0.41 -17.10
N ARG A 157 17.94 0.15 -18.33
CA ARG A 157 17.32 -0.86 -19.17
C ARG A 157 17.24 -2.20 -18.51
N THR A 158 18.25 -2.62 -17.74
CA THR A 158 18.20 -3.87 -17.10
C THR A 158 17.08 -3.96 -16.01
N HIS A 159 16.72 -2.80 -15.49
CA HIS A 159 15.71 -2.73 -14.40
C HIS A 159 14.39 -2.35 -15.01
N HIS A 160 13.88 -1.15 -14.77
CA HIS A 160 12.54 -0.78 -15.27
C HIS A 160 12.46 0.11 -16.51
N ASP A 161 13.64 0.35 -17.10
CA ASP A 161 13.74 0.85 -18.51
C ASP A 161 12.93 2.06 -18.78
N GLY A 162 13.12 3.11 -17.98
CA GLY A 162 12.47 4.36 -18.18
C GLY A 162 11.10 4.56 -17.58
N ALA A 163 10.52 3.51 -17.00
CA ALA A 163 9.11 3.57 -16.54
C ALA A 163 8.91 4.32 -15.22
N ILE A 164 10.01 4.65 -14.52
CA ILE A 164 9.91 5.26 -13.19
C ILE A 164 9.87 6.75 -13.37
N THR A 165 8.66 7.30 -13.30
CA THR A 165 8.41 8.67 -13.41
C THR A 165 8.68 9.41 -12.10
N GLU A 166 8.55 10.72 -12.01
CA GLU A 166 8.71 11.45 -10.81
C GLU A 166 7.63 11.10 -9.76
N ARG A 167 6.57 10.44 -10.23
CA ARG A 167 5.43 10.13 -9.28
C ARG A 167 5.59 8.74 -8.71
N LEU A 168 6.71 8.09 -9.01
CA LEU A 168 7.03 6.72 -8.57
C LEU A 168 8.34 6.73 -7.87
N MET A 169 8.53 5.77 -6.95
CA MET A 169 9.83 5.55 -6.31
C MET A 169 10.11 4.07 -6.29
N CYS A 170 11.36 3.69 -6.19
CA CYS A 170 11.78 2.34 -6.14
C CYS A 170 12.42 1.99 -4.83
N ALA A 171 12.32 0.74 -4.44
CA ALA A 171 13.10 0.20 -3.34
C ALA A 171 13.83 -1.04 -3.84
N GLU A 172 14.96 -1.33 -3.24
CA GLU A 172 15.69 -2.57 -3.54
C GLU A 172 14.79 -3.76 -3.38
N SER A 173 15.05 -4.82 -4.17
CA SER A 173 14.29 -6.07 -4.16
C SER A 173 15.19 -7.27 -4.07
N ASN A 174 16.32 -7.13 -3.39
CA ASN A 174 17.26 -8.26 -3.24
C ASN A 174 16.78 -9.15 -2.13
N ARG A 175 16.08 -10.18 -2.52
CA ARG A 175 15.55 -11.17 -1.66
C ARG A 175 14.32 -10.65 -0.84
N ARG A 176 14.56 -9.64 -0.04
CA ARG A 176 13.53 -8.90 0.69
C ARG A 176 12.71 -8.08 -0.28
N ASP A 177 11.40 -8.10 -0.18
CA ASP A 177 10.56 -7.32 -1.13
C ASP A 177 9.13 -7.38 -0.70
N SER A 178 8.32 -6.51 -1.33
CA SER A 178 6.88 -6.65 -1.32
C SER A 178 6.48 -7.64 -2.40
N CYS A 179 5.31 -8.25 -2.28
CA CYS A 179 4.89 -9.26 -3.24
C CYS A 179 3.39 -9.35 -3.35
N LYS A 180 2.90 -10.39 -4.07
CA LYS A 180 1.45 -10.60 -4.34
C LYS A 180 0.64 -10.53 -3.04
N GLY A 181 -0.31 -9.60 -3.03
CA GLY A 181 -1.18 -9.38 -1.91
C GLY A 181 -0.70 -8.24 -1.00
N ASP A 182 0.47 -7.68 -1.28
CA ASP A 182 0.96 -6.49 -0.59
C ASP A 182 0.59 -5.22 -1.32
N SER A 183 0.21 -5.32 -2.61
CA SER A 183 -0.15 -4.07 -3.33
C SER A 183 -1.18 -3.26 -2.54
N GLY A 184 -1.08 -1.97 -2.61
CA GLY A 184 -2.00 -1.13 -1.90
C GLY A 184 -1.60 -0.73 -0.53
N GLY A 185 -0.67 -1.48 0.05
CA GLY A 185 -0.20 -1.20 1.36
C GLY A 185 0.89 -0.14 1.44
N PRO A 186 1.35 0.18 2.62
CA PRO A 186 2.18 1.34 2.85
C PRO A 186 3.68 1.13 2.77
N LEU A 187 4.40 2.14 2.28
CA LEU A 187 5.84 2.27 2.42
CA LEU A 187 5.82 2.26 2.44
C LEU A 187 6.02 3.49 3.30
N VAL A 188 6.55 3.31 4.50
CA VAL A 188 6.52 4.31 5.49
C VAL A 188 7.95 4.72 5.79
N CYS A 189 8.26 5.99 5.79
CA CYS A 189 9.66 6.43 6.09
C CYS A 189 9.57 7.49 7.15
N GLY A 190 10.33 7.30 8.25
CA GLY A 190 10.37 8.38 9.30
C GLY A 190 9.01 8.37 9.82
N GLY A 191 7.98 7.38 9.92
CA GLY A 191 6.71 7.47 10.44
C GLY A 191 5.58 8.11 9.59
N VAL A 192 5.96 8.50 8.34
CA VAL A 192 5.02 9.15 7.47
C VAL A 192 4.88 8.31 6.18
N LEU A 193 3.64 8.16 5.67
CA LEU A 193 3.40 7.43 4.43
C LEU A 193 4.11 8.13 3.25
N GLU A 194 4.98 7.48 2.57
CA GLU A 194 5.66 7.96 1.38
C GLU A 194 5.16 7.27 0.15
N GLY A 195 4.92 5.98 0.18
CA GLY A 195 4.63 5.20 -1.00
C GLY A 195 3.51 4.26 -0.74
N VAL A 196 2.82 3.85 -1.81
CA VAL A 196 1.82 2.84 -1.83
C VAL A 196 2.33 1.75 -2.74
N VAL A 197 2.34 0.50 -2.26
CA VAL A 197 2.89 -0.57 -3.08
C VAL A 197 2.10 -0.73 -4.41
N THR A 198 2.86 -0.81 -5.50
CA THR A 198 2.28 -1.33 -6.75
CA THR A 198 2.32 -1.21 -6.81
C THR A 198 3.07 -2.53 -7.23
N SER A 199 2.41 -3.31 -8.15
CA SER A 199 2.94 -4.63 -8.56
C SER A 199 4.00 -4.58 -9.59
N GLY A 200 4.19 -3.46 -10.43
CA GLY A 200 5.44 -3.33 -11.23
C GLY A 200 5.52 -4.60 -12.13
N SER A 201 6.66 -5.23 -11.97
CA SER A 201 7.04 -6.59 -12.28
CA SER A 201 6.89 -6.55 -12.48
C SER A 201 6.22 -7.53 -11.44
N ARG A 202 5.75 -8.61 -11.97
CA ARG A 202 5.15 -9.60 -11.10
C ARG A 202 6.26 -10.28 -10.32
N VAL A 203 7.52 -10.15 -10.75
CA VAL A 203 8.63 -10.82 -10.12
C VAL A 203 8.92 -10.17 -8.81
N CYS A 204 9.04 -10.96 -7.78
CA CYS A 204 9.39 -10.51 -6.45
C CYS A 204 10.75 -11.03 -6.00
N GLY A 205 11.49 -10.28 -5.22
CA GLY A 205 12.68 -10.75 -4.64
C GLY A 205 13.89 -10.88 -5.52
N ASN A 206 13.79 -10.39 -6.72
CA ASN A 206 14.89 -10.44 -7.73
C ASN A 206 15.45 -9.00 -7.82
N ARG A 207 16.70 -8.84 -7.43
CA ARG A 207 17.33 -7.48 -7.45
C ARG A 207 17.24 -6.81 -8.75
N LYS A 208 17.20 -7.59 -9.86
CA LYS A 208 17.08 -7.01 -11.15
C LYS A 208 15.78 -6.26 -11.44
N LYS A 209 14.73 -6.51 -10.64
CA LYS A 209 13.41 -5.88 -10.84
C LYS A 209 12.99 -5.25 -9.47
N PRO A 210 13.46 -4.02 -9.23
CA PRO A 210 13.15 -3.32 -7.98
C PRO A 210 11.67 -3.21 -7.76
N GLY A 211 11.30 -3.08 -6.47
CA GLY A 211 9.93 -2.75 -6.15
C GLY A 211 9.60 -1.33 -6.51
N ILE A 212 8.35 -1.11 -6.93
CA ILE A 212 7.83 0.16 -7.33
C ILE A 212 6.71 0.55 -6.40
N TYR A 213 6.76 1.82 -5.99
CA TYR A 213 5.78 2.37 -5.02
C TYR A 213 5.30 3.72 -5.49
N THR A 214 4.00 3.95 -5.46
CA THR A 214 3.47 5.25 -5.93
C THR A 214 3.68 6.32 -4.89
N ARG A 215 4.26 7.47 -5.24
CA ARG A 215 4.58 8.48 -4.29
C ARG A 215 3.31 9.27 -3.95
N VAL A 216 2.83 9.18 -2.71
CA VAL A 216 1.58 9.83 -2.32
CA VAL A 216 1.57 9.80 -2.31
C VAL A 216 1.64 11.32 -2.44
N ALA A 217 2.75 11.92 -2.24
CA ALA A 217 2.89 13.36 -2.25
C ALA A 217 2.53 13.93 -3.59
N SER A 218 2.72 13.13 -4.62
CA SER A 218 2.43 13.56 -6.00
C SER A 218 0.92 13.70 -6.24
N TYR A 219 0.08 13.14 -5.35
CA TYR A 219 -1.36 12.95 -5.56
C TYR A 219 -2.16 13.69 -4.50
N ALA A 220 -1.60 14.68 -3.81
CA ALA A 220 -2.28 15.39 -2.74
C ALA A 220 -3.57 16.03 -3.23
N ALA A 221 -3.53 16.67 -4.40
CA ALA A 221 -4.77 17.35 -4.81
C ALA A 221 -5.94 16.38 -5.04
N TRP A 222 -5.67 15.21 -5.62
CA TRP A 222 -6.64 14.23 -5.90
C TRP A 222 -7.28 13.75 -4.54
N ILE A 223 -6.37 13.33 -3.61
CA ILE A 223 -6.91 12.84 -2.35
C ILE A 223 -7.73 13.94 -1.68
N ASP A 224 -7.20 15.14 -1.60
CA ASP A 224 -7.95 16.21 -0.92
C ASP A 224 -9.32 16.45 -1.59
N SER A 225 -9.33 16.46 -2.94
N SER A 225 -9.34 16.45 -2.93
CA SER A 225 -10.60 16.76 -3.65
CA SER A 225 -10.61 16.77 -3.66
C SER A 225 -11.62 15.67 -3.52
C SER A 225 -11.66 15.63 -3.61
N VAL A 226 -11.23 14.39 -3.64
CA VAL A 226 -12.16 13.26 -3.44
C VAL A 226 -12.79 13.34 -2.02
N LEU A 227 -11.98 13.57 -1.03
CA LEU A 227 -12.49 13.63 0.36
C LEU A 227 -13.37 14.87 0.57
N ALA A 228 -13.00 15.98 -0.06
CA ALA A 228 -13.75 17.24 0.16
C ALA A 228 -15.09 17.10 -0.52
N SER A 229 -15.16 16.46 -1.70
CA SER A 229 -16.45 16.30 -2.38
CA SER A 229 -16.44 16.37 -2.34
C SER A 229 -17.39 15.51 -1.49
N ALA A 230 -16.88 14.41 -0.92
CA ALA A 230 -17.74 13.56 -0.08
C ALA A 230 -18.21 14.21 1.16
N ALA A 231 -17.48 15.16 1.66
CA ALA A 231 -17.79 15.91 2.86
C ALA A 231 -18.79 17.05 2.60
N ALA A 232 -19.14 17.31 1.36
CA ALA A 232 -20.03 18.41 1.06
C ALA A 232 -21.47 18.06 1.54
#